data_6MIC
#
_entry.id   6MIC
#
_cell.length_a   63.290
_cell.length_b   63.290
_cell.length_c   236.291
_cell.angle_alpha   90.00
_cell.angle_beta   90.00
_cell.angle_gamma   120.00
#
_symmetry.space_group_name_H-M   'H 3 2'
#
loop_
_entity.id
_entity.type
_entity.pdbx_description
1 polymer 'Toxin co-regulated pilus biosynthesis protein B'
2 non-polymer (4S)-2-METHYL-2,4-PENTANEDIOL
3 non-polymer GLYCEROL
4 water water
#
_entity_poly.entity_id   1
_entity_poly.type   'polypeptide(L)'
_entity_poly.pdbx_seq_one_letter_code
;GSHMFLEDSELCWDTAAGSAKSCLSVRYDTVGNKTELDLKQIDVVSAKGLSFESDGKTKTPVVSTYETFQDGGRAKTINA
IECPTGLNNRFAAVVSSFSTAGQNANFSSESAKDSQGTTQKDGSKGPHALLSGISLNWTLTNKVWDVTASIGIESGILPT
SGIDSGSLLRNPKSLSFIAFQWCEN
;
_entity_poly.pdbx_strand_id   A
#
loop_
_chem_comp.id
_chem_comp.type
_chem_comp.name
_chem_comp.formula
GOL non-polymer GLYCEROL 'C3 H8 O3'
MPD non-polymer (4S)-2-METHYL-2,4-PENTANEDIOL 'C6 H14 O2'
#
# COMPACT_ATOMS: atom_id res chain seq x y z
N SER A 22 -8.47 -39.83 2.88
CA SER A 22 -7.65 -38.97 2.03
C SER A 22 -6.16 -39.33 2.18
N CYS A 23 -5.62 -39.13 3.38
CA CYS A 23 -4.23 -39.48 3.68
C CYS A 23 -3.24 -38.61 2.91
N LEU A 24 -1.95 -38.79 3.18
CA LEU A 24 -0.90 -37.99 2.58
C LEU A 24 0.41 -38.75 2.69
N SER A 25 1.42 -38.29 1.96
CA SER A 25 2.71 -38.97 1.96
C SER A 25 3.77 -38.07 1.35
N VAL A 26 5.03 -38.48 1.53
CA VAL A 26 6.18 -37.78 0.98
C VAL A 26 6.63 -38.54 -0.27
N ARG A 27 6.40 -37.95 -1.45
CA ARG A 27 6.78 -38.58 -2.71
C ARG A 27 8.09 -37.98 -3.21
N TYR A 28 8.59 -38.53 -4.32
CA TYR A 28 9.86 -38.08 -4.89
C TYR A 28 9.82 -38.24 -6.41
N ASP A 29 10.19 -37.19 -7.13
CA ASP A 29 10.22 -37.21 -8.58
C ASP A 29 11.65 -37.30 -9.09
N THR A 30 11.81 -38.02 -10.20
CA THR A 30 13.12 -38.22 -10.79
C THR A 30 13.64 -36.98 -11.50
N VAL A 31 12.75 -36.07 -11.91
CA VAL A 31 13.16 -34.84 -12.58
C VAL A 31 13.91 -33.97 -11.57
N GLY A 32 15.25 -34.07 -11.58
CA GLY A 32 16.07 -33.35 -10.64
C GLY A 32 16.51 -34.22 -9.48
N ASN A 33 16.57 -33.66 -8.29
CA ASN A 33 16.91 -34.41 -7.08
C ASN A 33 16.31 -33.70 -5.88
N LYS A 34 14.98 -33.63 -5.84
CA LYS A 34 14.28 -32.94 -4.78
C LYS A 34 13.05 -33.72 -4.36
N THR A 35 12.74 -33.69 -3.07
CA THR A 35 11.59 -34.38 -2.50
C THR A 35 10.37 -33.45 -2.46
N GLU A 36 9.22 -34.04 -2.16
CA GLU A 36 7.97 -33.28 -2.19
C GLU A 36 6.96 -33.91 -1.24
N LEU A 37 6.30 -33.07 -0.45
CA LEU A 37 5.25 -33.52 0.47
C LEU A 37 3.90 -33.29 -0.19
N ASP A 38 3.22 -34.37 -0.55
CA ASP A 38 1.98 -34.30 -1.31
C ASP A 38 0.81 -34.14 -0.35
N LEU A 39 0.10 -33.03 -0.47
CA LEU A 39 -1.11 -32.77 0.31
C LEU A 39 -2.31 -32.57 -0.60
N LYS A 40 -2.15 -32.81 -1.90
CA LYS A 40 -3.18 -32.53 -2.89
C LYS A 40 -4.37 -33.47 -2.79
N GLN A 41 -4.27 -34.54 -2.00
CA GLN A 41 -5.41 -35.40 -1.76
C GLN A 41 -6.43 -34.74 -0.85
N ILE A 42 -5.98 -33.81 0.02
CA ILE A 42 -6.87 -33.01 0.86
C ILE A 42 -7.22 -31.73 0.12
N ASP A 43 -8.47 -31.25 0.29
CA ASP A 43 -8.96 -30.12 -0.50
C ASP A 43 -8.41 -28.78 -0.02
N VAL A 44 -8.22 -28.60 1.30
CA VAL A 44 -7.69 -27.37 1.87
C VAL A 44 -6.69 -27.73 2.95
N VAL A 45 -5.58 -27.01 2.98
CA VAL A 45 -4.61 -27.05 4.07
C VAL A 45 -4.78 -25.75 4.85
N SER A 46 -5.11 -25.86 6.14
CA SER A 46 -5.41 -24.70 6.97
C SER A 46 -4.33 -24.54 8.02
N ALA A 47 -3.60 -23.44 7.97
CA ALA A 47 -2.55 -23.15 8.93
C ALA A 47 -2.88 -21.88 9.70
N LYS A 48 -2.13 -21.70 10.79
CA LYS A 48 -2.11 -20.42 11.50
C LYS A 48 -0.97 -19.60 10.89
N GLY A 49 0.18 -19.51 11.53
CA GLY A 49 1.32 -18.85 10.90
C GLY A 49 1.90 -19.74 9.81
N LEU A 50 2.48 -19.11 8.80
CA LEU A 50 3.05 -19.83 7.66
C LEU A 50 4.29 -19.10 7.18
N SER A 51 5.38 -19.84 7.00
CA SER A 51 6.57 -19.31 6.36
C SER A 51 7.07 -20.31 5.30
N PHE A 52 7.79 -19.77 4.33
CA PHE A 52 8.31 -20.59 3.25
C PHE A 52 9.59 -19.95 2.81
N GLU A 53 10.36 -20.66 1.98
CA GLU A 53 11.62 -20.14 1.51
C GLU A 53 11.56 -19.79 0.04
N SER A 54 12.25 -18.73 -0.30
CA SER A 54 12.36 -18.24 -1.66
C SER A 54 13.83 -17.92 -1.86
N ASP A 55 14.53 -18.74 -2.64
CA ASP A 55 15.94 -18.52 -2.96
C ASP A 55 16.74 -18.26 -1.68
N GLY A 56 16.54 -19.11 -0.67
CA GLY A 56 17.29 -19.02 0.56
C GLY A 56 16.74 -18.09 1.61
N LYS A 57 15.90 -17.14 1.23
CA LYS A 57 15.29 -16.22 2.17
C LYS A 57 14.01 -16.84 2.73
N THR A 58 13.71 -16.54 3.98
CA THR A 58 12.48 -17.00 4.59
C THR A 58 11.48 -15.86 4.57
N LYS A 59 10.26 -16.16 4.12
CA LYS A 59 9.22 -15.16 3.96
C LYS A 59 7.93 -15.67 4.57
N THR A 60 7.05 -14.72 4.88
CA THR A 60 5.66 -15.04 5.13
C THR A 60 4.85 -14.53 3.94
N PRO A 61 3.62 -14.98 3.79
CA PRO A 61 2.83 -14.58 2.62
C PRO A 61 2.53 -13.09 2.61
N VAL A 62 2.51 -12.50 1.41
CA VAL A 62 2.16 -11.09 1.32
C VAL A 62 0.67 -10.95 1.62
N VAL A 63 0.34 -9.93 2.39
CA VAL A 63 -1.03 -9.63 2.74
C VAL A 63 -1.30 -8.18 2.36
N SER A 64 -2.48 -7.96 1.76
CA SER A 64 -2.85 -6.74 1.05
C SER A 64 -4.03 -6.07 1.73
N THR A 65 -3.97 -4.73 1.77
CA THR A 65 -5.04 -3.88 2.29
C THR A 65 -5.17 -2.67 1.38
N TYR A 66 -6.41 -2.28 1.09
CA TYR A 66 -6.73 -1.03 0.40
C TYR A 66 -6.67 0.16 1.37
N GLU A 67 -5.98 1.23 0.98
CA GLU A 67 -5.69 2.33 1.89
C GLU A 67 -5.92 3.68 1.24
N THR A 68 -6.37 4.64 2.06
CA THR A 68 -6.45 6.05 1.73
C THR A 68 -6.06 6.86 2.94
N PHE A 69 -5.74 8.12 2.70
CA PHE A 69 -5.46 9.08 3.75
C PHE A 69 -6.75 9.71 4.27
N GLN A 70 -6.77 9.99 5.57
CA GLN A 70 -7.87 10.74 6.14
C GLN A 70 -7.69 12.24 5.91
N ASP A 71 -8.80 12.99 6.05
CA ASP A 71 -8.77 14.44 5.90
C ASP A 71 -7.68 15.05 6.78
N GLY A 72 -7.11 16.15 6.32
CA GLY A 72 -6.26 16.96 7.17
C GLY A 72 -4.79 16.97 6.81
N GLY A 73 -4.37 16.21 5.82
CA GLY A 73 -3.00 16.25 5.33
C GLY A 73 -1.95 15.61 6.22
N ARG A 74 -2.33 14.69 7.10
CA ARG A 74 -1.39 14.05 8.01
C ARG A 74 -1.06 12.64 7.53
N ALA A 75 0.03 12.11 8.08
CA ALA A 75 0.49 10.76 7.74
C ALA A 75 -0.56 9.70 8.06
N LYS A 76 -0.52 8.62 7.29
CA LYS A 76 -1.41 7.48 7.47
C LYS A 76 -0.66 6.42 8.25
N THR A 77 -1.12 6.10 9.46
CA THR A 77 -0.51 5.04 10.27
C THR A 77 -1.20 3.72 9.99
N ILE A 78 -0.39 2.68 9.79
CA ILE A 78 -0.82 1.32 9.52
C ILE A 78 -0.06 0.38 10.47
N ASN A 79 -0.79 -0.36 11.30
CA ASN A 79 -0.11 -1.27 12.21
C ASN A 79 0.68 -2.32 11.45
N ALA A 80 1.88 -2.61 11.95
CA ALA A 80 2.69 -3.66 11.36
C ALA A 80 2.19 -5.03 11.81
N ILE A 81 2.16 -5.97 10.85
CA ILE A 81 1.76 -7.33 11.16
C ILE A 81 2.76 -7.95 12.16
N GLU A 82 2.29 -8.97 12.88
CA GLU A 82 3.18 -9.69 13.78
C GLU A 82 3.99 -10.69 12.96
N CYS A 83 5.30 -10.71 13.21
CA CYS A 83 6.17 -11.58 12.44
C CYS A 83 6.63 -12.75 13.29
N PRO A 84 6.84 -13.92 12.68
CA PRO A 84 7.46 -15.02 13.40
C PRO A 84 8.86 -14.65 13.90
N THR A 85 9.32 -15.42 14.88
CA THR A 85 10.64 -15.20 15.44
C THR A 85 11.70 -15.20 14.35
N GLY A 86 12.59 -14.21 14.39
CA GLY A 86 13.67 -14.14 13.44
C GLY A 86 13.38 -13.36 12.18
N LEU A 87 12.13 -12.99 11.92
CA LEU A 87 11.80 -12.31 10.69
C LEU A 87 11.46 -10.84 10.98
N ASN A 88 11.75 -10.02 9.99
CA ASN A 88 11.58 -8.57 10.05
C ASN A 88 10.37 -8.14 9.25
N ASN A 89 9.77 -7.05 9.68
CA ASN A 89 8.62 -6.47 8.97
C ASN A 89 9.04 -5.80 7.68
N ARG A 90 8.28 -6.07 6.62
CA ARG A 90 8.43 -5.38 5.34
C ARG A 90 7.10 -4.80 4.87
N PHE A 91 7.21 -3.82 3.96
CA PHE A 91 6.06 -3.04 3.51
C PHE A 91 6.32 -2.53 2.10
N ALA A 92 5.25 -2.48 1.31
CA ALA A 92 5.32 -1.79 0.01
C ALA A 92 3.96 -1.22 -0.28
N ALA A 93 3.93 0.02 -0.73
CA ALA A 93 2.70 0.67 -1.17
C ALA A 93 2.78 0.88 -2.68
N VAL A 94 1.67 0.62 -3.36
CA VAL A 94 1.59 0.71 -4.80
C VAL A 94 0.33 1.49 -5.18
N VAL A 95 0.42 2.24 -6.27
CA VAL A 95 -0.65 3.11 -6.71
C VAL A 95 -1.81 2.33 -7.31
N SER A 96 -3.02 2.67 -6.89
CA SER A 96 -4.24 2.12 -7.48
C SER A 96 -5.00 3.20 -8.26
N SER A 97 -5.59 4.19 -7.59
CA SER A 97 -6.20 5.35 -8.22
C SER A 97 -5.58 6.64 -7.72
N PHE A 98 -5.63 7.69 -8.54
CA PHE A 98 -5.13 9.00 -8.12
C PHE A 98 -5.71 10.09 -8.98
N SER A 99 -5.77 11.28 -8.41
CA SER A 99 -6.08 12.47 -9.20
C SER A 99 -5.37 13.64 -8.54
N THR A 100 -5.49 14.81 -9.17
CA THR A 100 -4.92 16.04 -8.65
C THR A 100 -5.91 16.84 -7.80
N ALA A 101 -6.95 16.20 -7.27
CA ALA A 101 -7.92 16.94 -6.46
C ALA A 101 -7.40 17.23 -5.06
N GLY A 102 -6.39 16.51 -4.58
CA GLY A 102 -5.82 16.80 -3.27
C GLY A 102 -6.76 16.48 -2.13
N GLN A 103 -7.11 17.47 -1.33
CA GLN A 103 -8.10 17.29 -0.27
C GLN A 103 -9.53 17.13 -0.79
N ASN A 104 -9.79 17.52 -2.04
CA ASN A 104 -11.16 17.62 -2.55
C ASN A 104 -11.59 16.31 -3.21
N ALA A 105 -11.62 15.27 -2.39
CA ALA A 105 -11.78 13.93 -2.91
C ALA A 105 -12.13 12.99 -1.79
N ASN A 106 -12.68 11.83 -2.18
CA ASN A 106 -12.85 10.69 -1.29
C ASN A 106 -12.69 9.46 -2.17
N PHE A 107 -11.57 8.76 -1.97
CA PHE A 107 -11.23 7.56 -2.73
C PHE A 107 -11.38 6.30 -1.88
N SER A 108 -12.08 6.40 -0.75
CA SER A 108 -12.12 5.30 0.20
C SER A 108 -12.98 4.13 -0.23
N SER A 109 -13.84 4.28 -1.23
CA SER A 109 -14.57 3.15 -1.81
C SER A 109 -13.78 2.48 -2.93
N GLU A 110 -13.77 1.15 -2.91
CA GLU A 110 -13.15 0.38 -3.97
C GLU A 110 -13.95 0.40 -5.26
N SER A 111 -15.22 0.81 -5.23
CA SER A 111 -16.08 0.71 -6.39
C SER A 111 -16.43 2.05 -7.04
N ALA A 112 -16.17 3.18 -6.39
CA ALA A 112 -16.46 4.48 -6.96
C ALA A 112 -15.52 5.50 -6.33
N LYS A 113 -15.28 6.59 -7.04
CA LYS A 113 -14.41 7.67 -6.58
C LYS A 113 -15.15 9.00 -6.64
N ASP A 114 -14.89 9.86 -5.66
CA ASP A 114 -15.30 11.26 -5.70
C ASP A 114 -14.06 12.11 -5.83
N SER A 115 -13.99 12.90 -6.91
CA SER A 115 -12.85 13.76 -7.18
C SER A 115 -13.42 15.08 -7.68
N GLN A 116 -13.34 16.13 -6.85
CA GLN A 116 -14.07 17.35 -7.15
C GLN A 116 -13.27 18.32 -8.02
N GLY A 117 -11.95 18.36 -7.87
CA GLY A 117 -11.12 19.31 -8.58
C GLY A 117 -10.04 19.84 -7.66
N THR A 118 -9.17 20.69 -8.23
CA THR A 118 -8.01 21.22 -7.53
C THR A 118 -8.35 22.57 -6.91
N THR A 119 -7.91 22.78 -5.67
CA THR A 119 -8.10 24.07 -5.02
C THR A 119 -7.37 25.18 -5.77
N GLN A 120 -8.08 26.29 -5.98
CA GLN A 120 -7.59 27.46 -6.69
C GLN A 120 -7.11 28.50 -5.70
N LYS A 121 -6.55 29.62 -6.19
CA LYS A 121 -5.89 30.54 -5.27
C LYS A 121 -6.87 31.20 -4.32
N ASP A 122 -8.14 31.31 -4.70
CA ASP A 122 -9.13 31.90 -3.79
C ASP A 122 -9.68 30.89 -2.80
N GLY A 123 -9.47 29.60 -3.04
CA GLY A 123 -9.97 28.57 -2.16
C GLY A 123 -11.06 27.73 -2.79
N SER A 124 -11.54 28.14 -3.95
CA SER A 124 -12.59 27.44 -4.67
C SER A 124 -12.03 26.18 -5.33
N LYS A 125 -12.94 25.29 -5.71
CA LYS A 125 -12.61 24.05 -6.40
C LYS A 125 -12.73 24.31 -7.89
N GLY A 126 -11.60 24.28 -8.58
CA GLY A 126 -11.58 24.47 -10.01
C GLY A 126 -11.32 23.16 -10.73
N PRO A 127 -10.94 23.22 -12.00
CA PRO A 127 -10.70 21.99 -12.73
C PRO A 127 -9.53 21.24 -12.13
N HIS A 128 -9.42 19.96 -12.49
CA HIS A 128 -8.27 19.19 -12.10
C HIS A 128 -7.02 19.70 -12.81
N ALA A 129 -5.98 19.96 -12.02
CA ALA A 129 -4.67 20.33 -12.53
C ALA A 129 -3.98 19.13 -13.15
N LEU A 130 -2.96 19.42 -13.92
CA LEU A 130 -2.11 18.41 -14.54
C LEU A 130 -1.00 18.00 -13.58
N LEU A 131 -0.52 16.78 -13.77
CA LEU A 131 0.31 16.09 -12.78
C LEU A 131 1.77 15.95 -13.25
N SER A 132 2.71 16.10 -12.31
CA SER A 132 4.12 15.82 -12.54
C SER A 132 4.70 14.64 -11.75
N GLY A 133 4.03 14.14 -10.73
CA GLY A 133 4.57 12.98 -10.03
C GLY A 133 3.74 12.60 -8.83
N ILE A 134 4.04 11.40 -8.29
CA ILE A 134 3.49 10.92 -7.05
C ILE A 134 4.62 10.28 -6.26
N SER A 135 4.75 10.68 -4.99
CA SER A 135 5.67 10.02 -4.07
C SER A 135 4.89 9.31 -2.99
N LEU A 136 5.25 8.05 -2.73
CA LEU A 136 4.74 7.28 -1.61
C LEU A 136 5.92 6.87 -0.77
N ASN A 137 5.90 7.21 0.51
CA ASN A 137 7.01 6.97 1.43
C ASN A 137 6.51 6.22 2.66
N TRP A 138 7.36 5.35 3.21
CA TRP A 138 6.97 4.64 4.42
C TRP A 138 8.18 4.35 5.30
N THR A 139 7.97 4.48 6.62
CA THR A 139 8.97 4.22 7.66
C THR A 139 8.32 3.44 8.78
N LEU A 140 9.07 2.50 9.35
CA LEU A 140 8.61 1.68 10.46
C LEU A 140 9.09 2.27 11.79
N THR A 141 8.13 2.58 12.67
CA THR A 141 8.38 3.17 13.99
C THR A 141 7.52 2.42 15.00
N ASN A 142 8.15 1.70 15.90
CA ASN A 142 7.46 1.04 17.02
C ASN A 142 6.27 0.21 16.53
N LYS A 143 6.52 -0.67 15.58
CA LYS A 143 5.51 -1.60 15.03
C LYS A 143 4.34 -0.85 14.38
N VAL A 144 4.59 0.36 13.89
CA VAL A 144 3.65 1.11 13.08
C VAL A 144 4.36 1.57 11.82
N TRP A 145 3.73 1.38 10.67
CA TRP A 145 4.21 1.98 9.43
C TRP A 145 3.59 3.36 9.27
N ASP A 146 4.45 4.36 9.15
CA ASP A 146 4.04 5.75 8.92
C ASP A 146 4.17 6.00 7.42
N VAL A 147 3.03 6.18 6.75
CA VAL A 147 3.00 6.36 5.30
C VAL A 147 2.70 7.81 4.99
N THR A 148 3.49 8.38 4.10
CA THR A 148 3.27 9.73 3.61
C THR A 148 3.26 9.72 2.09
N ALA A 149 2.61 10.72 1.52
CA ALA A 149 2.50 10.80 0.08
C ALA A 149 2.43 12.25 -0.33
N SER A 150 2.87 12.51 -1.57
CA SER A 150 2.67 13.82 -2.17
C SER A 150 2.41 13.64 -3.65
N ILE A 151 1.61 14.53 -4.22
CA ILE A 151 1.35 14.58 -5.65
C ILE A 151 1.82 15.96 -6.13
N GLY A 152 2.69 15.95 -7.13
CA GLY A 152 3.18 17.18 -7.72
C GLY A 152 2.31 17.53 -8.92
N ILE A 153 2.00 18.82 -9.00
CA ILE A 153 1.12 19.36 -10.02
C ILE A 153 1.72 20.61 -10.65
N GLU A 154 1.11 21.02 -11.76
CA GLU A 154 1.51 22.24 -12.44
C GLU A 154 1.47 23.41 -11.46
N SER A 155 2.43 24.31 -11.61
CA SER A 155 2.53 25.45 -10.73
C SER A 155 1.54 26.53 -11.14
N GLY A 156 1.32 27.46 -10.22
CA GLY A 156 0.50 28.62 -10.49
C GLY A 156 -0.97 28.44 -10.22
N ILE A 157 -1.37 27.33 -9.61
CA ILE A 157 -2.78 27.02 -9.41
C ILE A 157 -3.17 27.13 -7.95
N LEU A 158 -2.41 26.43 -7.08
CA LEU A 158 -2.77 26.32 -5.67
C LEU A 158 -2.53 27.60 -4.90
N PRO A 159 -3.19 27.74 -3.75
CA PRO A 159 -2.82 28.81 -2.82
C PRO A 159 -1.37 28.72 -2.39
N THR A 160 -0.91 29.81 -1.79
CA THR A 160 0.46 29.90 -1.30
C THR A 160 0.70 29.05 -0.06
N SER A 161 -0.32 28.84 0.77
CA SER A 161 -0.17 28.06 1.99
C SER A 161 -1.34 27.09 2.11
N GLY A 162 -1.14 26.06 2.93
CA GLY A 162 -2.15 25.06 3.18
C GLY A 162 -1.66 23.69 2.80
N ILE A 163 -2.53 22.71 3.06
CA ILE A 163 -2.20 21.31 2.78
C ILE A 163 -1.88 21.13 1.31
N ASP A 164 -2.71 21.72 0.46
CA ASP A 164 -2.49 21.75 -0.98
C ASP A 164 -1.99 23.17 -1.25
N SER A 165 -0.69 23.29 -1.51
CA SER A 165 -0.11 24.62 -1.73
C SER A 165 1.16 24.53 -2.55
N GLY A 166 1.50 25.65 -3.19
CA GLY A 166 2.63 25.69 -4.08
C GLY A 166 2.35 24.86 -5.31
N SER A 167 3.07 23.75 -5.42
CA SER A 167 2.86 22.77 -6.48
C SER A 167 2.65 21.37 -5.91
N LEU A 168 2.28 21.27 -4.63
CA LEU A 168 2.23 19.97 -3.95
C LEU A 168 0.89 19.75 -3.27
N LEU A 169 0.37 18.53 -3.42
CA LEU A 169 -0.78 18.05 -2.67
C LEU A 169 -0.27 17.08 -1.62
N ARG A 170 -0.32 17.46 -0.37
CA ARG A 170 0.32 16.68 0.69
C ARG A 170 -0.65 15.70 1.31
N ASN A 171 -0.20 14.45 1.46
CA ASN A 171 -0.97 13.35 2.03
C ASN A 171 -2.41 13.41 1.50
N PRO A 172 -2.58 13.35 0.19
CA PRO A 172 -3.87 13.69 -0.41
C PRO A 172 -4.95 12.65 -0.23
N LYS A 173 -6.18 13.15 -0.17
CA LYS A 173 -7.37 12.29 -0.25
C LYS A 173 -7.52 11.67 -1.64
N SER A 174 -7.00 12.33 -2.68
CA SER A 174 -7.20 11.91 -4.07
C SER A 174 -6.20 10.83 -4.50
N LEU A 175 -6.13 9.77 -3.69
CA LEU A 175 -5.14 8.72 -3.85
C LEU A 175 -5.67 7.49 -3.13
N SER A 176 -5.61 6.35 -3.80
CA SER A 176 -5.74 5.08 -3.10
C SER A 176 -4.53 4.24 -3.44
N PHE A 177 -4.07 3.50 -2.45
CA PHE A 177 -2.92 2.65 -2.64
C PHE A 177 -3.20 1.30 -2.00
N ILE A 178 -2.53 0.28 -2.51
CA ILE A 178 -2.57 -1.03 -1.89
C ILE A 178 -1.31 -1.16 -1.05
N ALA A 179 -1.49 -1.45 0.23
CA ALA A 179 -0.41 -1.71 1.15
C ALA A 179 -0.18 -3.21 1.22
N PHE A 180 1.02 -3.65 0.91
CA PHE A 180 1.45 -5.02 1.04
C PHE A 180 2.38 -5.13 2.23
N GLN A 181 2.13 -6.11 3.10
CA GLN A 181 3.02 -6.39 4.22
C GLN A 181 3.42 -7.85 4.14
N TRP A 182 4.63 -8.14 4.60
CA TRP A 182 5.11 -9.51 4.78
C TRP A 182 6.29 -9.44 5.72
N CYS A 183 6.74 -10.62 6.14
CA CYS A 183 7.92 -10.73 6.98
C CYS A 183 9.02 -11.47 6.22
N GLU A 184 10.28 -11.12 6.54
CA GLU A 184 11.43 -11.65 5.82
C GLU A 184 12.66 -11.61 6.72
N ASN A 185 13.57 -12.57 6.53
CA ASN A 185 14.82 -12.51 7.29
C ASN A 185 15.71 -11.48 6.64
C1 MPD B . 6.27 14.30 -7.29
C2 MPD B . 7.10 15.15 -6.34
O2 MPD B . 6.57 14.94 -5.02
CM MPD B . 8.60 14.82 -6.34
C3 MPD B . 6.86 16.62 -6.68
C4 MPD B . 7.36 17.00 -8.08
O4 MPD B . 6.66 16.28 -9.08
C5 MPD B . 7.19 18.50 -8.28
H11 MPD B . 5.72 14.95 -7.98
H12 MPD B . 6.94 13.65 -7.86
H13 MPD B . 5.58 13.70 -6.72
HO2 MPD B . 6.19 15.77 -4.67
HM1 MPD B . 9.17 15.72 -6.59
HM2 MPD B . 8.89 14.46 -5.35
HM3 MPD B . 8.80 14.05 -7.08
H31 MPD B . 5.80 16.83 -6.61
H32 MPD B . 7.38 17.24 -5.95
H4 MPD B . 8.42 16.76 -8.14
HO4 MPD B . 7.08 16.45 -9.95
H51 MPD B . 6.58 18.69 -9.16
H52 MPD B . 6.73 18.94 -7.40
H53 MPD B . 8.18 18.96 -8.43
C1 GOL C . -17.27 7.14 -1.06
O1 GOL C . -17.41 6.39 0.13
C2 GOL C . -18.65 7.55 -1.56
O2 GOL C . -19.22 8.49 -0.69
C3 GOL C . -18.51 8.13 -2.96
O3 GOL C . -19.79 8.45 -3.46
H11 GOL C . -16.76 6.54 -1.82
H12 GOL C . -16.67 8.03 -0.88
HO1 GOL C . -16.53 6.07 0.41
H2 GOL C . -19.28 6.66 -1.62
HO2 GOL C . -18.65 9.29 -0.66
H31 GOL C . -18.04 7.40 -3.63
H32 GOL C . -17.89 9.02 -2.94
HO3 GOL C . -20.48 8.06 -2.89
C1 GOL D . 12.55 -13.83 -3.69
O1 GOL D . 13.63 -14.71 -3.96
C2 GOL D . 12.76 -12.44 -4.30
O2 GOL D . 12.67 -12.47 -5.70
C3 GOL D . 11.70 -11.47 -3.78
O3 GOL D . 11.97 -10.97 -2.51
H11 GOL D . 12.43 -13.75 -2.61
H12 GOL D . 11.64 -14.26 -4.08
HO1 GOL D . 13.48 -15.56 -3.50
H2 GOL D . 13.74 -12.07 -4.00
HO2 GOL D . 11.77 -12.75 -5.97
H31 GOL D . 10.74 -11.97 -3.77
H32 GOL D . 11.62 -10.63 -4.48
HO3 GOL D . 12.71 -11.48 -2.10
#